data_6W57
#
_entry.id   6W57
#
_cell.length_a   73.365
_cell.length_b   73.365
_cell.length_c   233.185
_cell.angle_alpha   90.000
_cell.angle_beta   90.000
_cell.angle_gamma   90.000
#
_symmetry.space_group_name_H-M   'P 43 21 2'
#
loop_
_entity.id
_entity.type
_entity.pdbx_description
1 polymer 'Malic enzyme'
2 non-polymer '4-(2-HYDROXYETHYL)-1-PIPERAZINE ETHANESULFONIC ACID'
3 non-polymer ~{N}-[5-[[4-[bis(fluoranyl)methoxy]phenyl]sulfamoyl]-2-chloranyl-phenyl]-3,5-bis(fluoranyl)benzamide
4 water water
#
_entity_poly.entity_id   1
_entity_poly.type   'polypeptide(L)'
_entity_poly.pdbx_seq_one_letter_code
;QGRAILTDRYINRGTAFTMEERQKLHILGRLPPVVETLEEQVARVYGQVKKYEKPINRYQHLVSVHSTNTTLYYATILAH
LEEMLPIIYTPTVGEACMEYSHLFFRERGVYFNRLYKGQFRNIMRDAGYQKVEVVVITDGSRILGLGDLGSNGIGISIGK
CSLYVAGAGIDPRLIVPVILDVGTNNERYLQDKDYLGMREKRLGDEEFYELLDEFMEAASAEWPNAVIQFEDFSNNHCFD
IMERYQKKYRCFNDDIQGTGAVIAAGFLNAIKLSGVSPLQQRIVVFGAGSAAVGVANNIAALAARMYKFPVQDLVKTFYL
VDTKGLVTTTRGDQLAAHKKLLARTDVSAEDSAKLRTLEEIVRFVKPTTLLGLGGVGPAFTEEIVKMVMQNTERPIIFPL
SNPTSKAEVTPENAYKWTNGAAIVASGSPFPPTTIGGKTFKPSQGNNLYVFPGVGLGCALAQPTHIPEELLLTASESLNL
LTTEGDLREGRLYPPLEDIHNISANVATDVILEAQRMKIDNNKKLPRTRDELLAFVKKAMWKPVYSGEVGEQVL
;
_entity_poly.pdbx_strand_id   A
#
# COMPACT_ATOMS: atom_id res chain seq x y z
N ALA A 4 13.65 20.19 28.00
CA ALA A 4 14.53 19.80 26.82
C ALA A 4 14.63 18.28 26.70
N ILE A 5 14.11 17.55 27.69
CA ILE A 5 14.13 16.06 27.72
C ILE A 5 12.70 15.60 27.50
N LEU A 6 11.83 16.01 28.42
CA LEU A 6 10.40 15.69 28.36
C LEU A 6 9.83 16.27 27.08
N THR A 7 10.32 17.44 26.65
CA THR A 7 9.66 18.24 25.58
C THR A 7 10.20 17.82 24.21
N ASP A 8 11.15 16.90 24.17
CA ASP A 8 11.68 16.34 22.91
C ASP A 8 11.03 14.97 22.68
N ARG A 9 10.04 14.90 21.79
CA ARG A 9 9.18 13.68 21.64
C ARG A 9 10.03 12.49 21.16
N TYR A 10 11.23 12.75 20.63
CA TYR A 10 12.16 11.68 20.19
C TYR A 10 12.94 11.05 21.35
N ILE A 11 13.27 11.78 22.41
CA ILE A 11 14.03 11.16 23.54
C ILE A 11 13.13 11.02 24.78
N ASN A 12 11.96 11.63 24.81
CA ASN A 12 11.06 11.54 25.99
C ASN A 12 10.66 10.08 26.16
N ARG A 13 10.71 9.60 27.42
CA ARG A 13 10.25 8.24 27.80
C ARG A 13 9.05 8.30 28.74
N GLY A 14 8.66 9.49 29.20
CA GLY A 14 7.58 9.61 30.17
C GLY A 14 7.81 8.73 31.39
N THR A 15 6.81 7.95 31.80
CA THR A 15 6.87 7.17 33.06
C THR A 15 7.92 6.06 32.95
N ALA A 16 8.54 5.82 31.78
CA ALA A 16 9.58 4.77 31.64
C ALA A 16 10.95 5.27 32.15
N PHE A 17 11.11 6.56 32.40
CA PHE A 17 12.26 7.10 33.17
C PHE A 17 12.23 6.50 34.58
N THR A 18 13.29 5.78 34.95
CA THR A 18 13.40 5.18 36.32
C THR A 18 13.50 6.34 37.30
N MET A 19 13.28 6.06 38.58
CA MET A 19 13.45 7.06 39.64
C MET A 19 14.87 7.62 39.59
N GLU A 20 15.89 6.80 39.36
CA GLU A 20 17.29 7.27 39.35
C GLU A 20 17.49 8.11 38.11
N GLU A 21 16.86 7.78 36.96
CA GLU A 21 17.03 8.65 35.77
C GLU A 21 16.41 10.02 36.05
N ARG A 22 15.22 10.02 36.65
CA ARG A 22 14.47 11.27 36.87
C ARG A 22 15.33 12.20 37.73
N GLN A 23 16.00 11.64 38.72
CA GLN A 23 16.90 12.38 39.65
C GLN A 23 18.07 12.92 38.83
N LYS A 24 18.75 12.04 38.10
CA LYS A 24 19.93 12.43 37.30
C LYS A 24 19.57 13.51 36.28
N LEU A 25 18.39 13.44 35.67
CA LEU A 25 17.93 14.39 34.61
C LEU A 25 17.15 15.59 35.20
N HIS A 26 17.04 15.72 36.51
CA HIS A 26 16.40 16.87 37.20
C HIS A 26 14.95 16.99 36.72
N ILE A 27 14.23 15.86 36.55
CA ILE A 27 12.79 15.85 36.17
C ILE A 27 11.97 15.11 37.23
N LEU A 28 12.56 14.87 38.38
CA LEU A 28 11.82 14.27 39.48
C LEU A 28 10.69 15.24 39.80
N GLY A 29 9.49 14.74 39.94
CA GLY A 29 8.38 15.69 40.23
C GLY A 29 7.82 16.33 38.98
N ARG A 30 8.29 15.95 37.80
CA ARG A 30 7.63 16.40 36.54
C ARG A 30 6.69 15.32 36.04
N LEU A 31 6.69 14.16 36.69
CA LEU A 31 5.91 12.95 36.28
C LEU A 31 5.23 12.43 37.52
N PRO A 32 4.10 11.73 37.35
CA PRO A 32 3.56 10.95 38.46
C PRO A 32 4.52 9.81 38.78
N PRO A 33 4.48 9.32 40.02
CA PRO A 33 5.52 8.46 40.57
C PRO A 33 5.66 7.04 40.00
N VAL A 34 4.64 6.50 39.37
CA VAL A 34 4.72 5.12 38.80
C VAL A 34 5.82 5.10 37.72
N VAL A 35 6.63 4.04 37.74
CA VAL A 35 7.63 3.76 36.70
C VAL A 35 7.14 2.54 35.90
N GLU A 36 6.98 2.69 34.61
CA GLU A 36 6.51 1.61 33.70
C GLU A 36 7.62 1.23 32.74
N THR A 37 7.54 -0.01 32.25
CA THR A 37 8.29 -0.44 31.06
C THR A 37 7.51 0.02 29.83
N LEU A 38 8.17 0.01 28.68
CA LEU A 38 7.51 0.33 27.40
C LEU A 38 6.32 -0.57 27.18
N GLU A 39 6.45 -1.88 27.46
CA GLU A 39 5.30 -2.81 27.28
C GLU A 39 4.10 -2.34 28.08
N GLU A 40 4.34 -1.97 29.34
CA GLU A 40 3.26 -1.47 30.23
C GLU A 40 2.69 -0.17 29.66
N GLN A 41 3.54 0.72 29.17
CA GLN A 41 3.05 2.02 28.62
C GLN A 41 2.16 1.72 27.42
N VAL A 42 2.57 0.76 26.62
CA VAL A 42 1.78 0.39 25.41
C VAL A 42 0.41 -0.13 25.82
N ALA A 43 0.34 -0.99 26.83
CA ALA A 43 -0.96 -1.56 27.29
C ALA A 43 -1.86 -0.42 27.78
N ARG A 44 -1.24 0.57 28.44
CA ARG A 44 -1.98 1.73 29.00
C ARG A 44 -2.55 2.57 27.86
N VAL A 45 -1.73 2.89 26.87
CA VAL A 45 -2.12 3.70 25.69
C VAL A 45 -3.19 2.96 24.92
N TYR A 46 -3.05 1.66 24.76
CA TYR A 46 -4.10 0.84 24.07
C TYR A 46 -5.46 0.98 24.77
N GLY A 47 -5.53 0.90 26.10
CA GLY A 47 -6.79 1.11 26.82
C GLY A 47 -7.30 2.55 26.66
N GLN A 48 -6.43 3.54 26.58
CA GLN A 48 -6.79 4.97 26.36
C GLN A 48 -7.43 5.08 24.98
N VAL A 49 -6.88 4.43 23.97
CA VAL A 49 -7.41 4.46 22.56
C VAL A 49 -8.83 3.90 22.61
N LYS A 50 -9.02 2.82 23.37
CA LYS A 50 -10.29 2.05 23.29
C LYS A 50 -11.34 2.72 24.17
N LYS A 51 -11.05 3.78 24.93
CA LYS A 51 -12.09 4.53 25.67
C LYS A 51 -12.75 5.53 24.72
N TYR A 52 -12.25 5.65 23.49
CA TYR A 52 -12.94 6.40 22.40
C TYR A 52 -13.70 5.38 21.55
N GLU A 53 -14.94 5.70 21.16
CA GLU A 53 -15.75 4.83 20.27
C GLU A 53 -15.41 5.13 18.80
N LYS A 54 -15.22 6.38 18.43
CA LYS A 54 -15.15 6.73 16.98
C LYS A 54 -13.71 6.65 16.47
N PRO A 55 -13.46 6.04 15.28
CA PRO A 55 -12.13 6.03 14.70
C PRO A 55 -11.44 7.39 14.69
N ILE A 56 -12.16 8.45 14.32
CA ILE A 56 -11.52 9.80 14.28
C ILE A 56 -11.02 10.23 15.68
N ASN A 57 -11.78 9.98 16.74
CA ASN A 57 -11.29 10.34 18.10
C ASN A 57 -10.16 9.37 18.54
N ARG A 58 -10.12 8.10 18.13
CA ARG A 58 -8.96 7.20 18.43
C ARG A 58 -7.72 7.75 17.74
N TYR A 59 -7.87 8.15 16.49
CA TYR A 59 -6.73 8.74 15.74
C TYR A 59 -6.27 10.02 16.45
N GLN A 60 -7.20 10.85 16.88
CA GLN A 60 -6.89 12.12 17.57
C GLN A 60 -6.05 11.81 18.83
N HIS A 61 -6.41 10.77 19.58
CA HIS A 61 -5.61 10.33 20.75
C HIS A 61 -4.20 9.90 20.32
N LEU A 62 -4.10 9.14 19.25
CA LEU A 62 -2.80 8.61 18.81
C LEU A 62 -1.93 9.76 18.33
N VAL A 63 -2.52 10.82 17.74
CA VAL A 63 -1.74 12.01 17.30
C VAL A 63 -1.08 12.64 18.53
N SER A 64 -1.84 12.76 19.62
CA SER A 64 -1.35 13.37 20.88
C SER A 64 -0.22 12.50 21.47
N VAL A 65 -0.36 11.17 21.49
CA VAL A 65 0.74 10.24 21.91
C VAL A 65 1.99 10.52 21.05
N HIS A 66 1.89 10.49 19.72
CA HIS A 66 3.02 10.78 18.79
C HIS A 66 3.70 12.12 19.14
N SER A 67 2.92 13.16 19.50
CA SER A 67 3.47 14.48 19.84
C SER A 67 4.26 14.47 21.13
N THR A 68 3.99 13.53 22.03
CA THR A 68 4.58 13.55 23.39
C THR A 68 5.75 12.57 23.44
N ASN A 69 5.53 11.38 22.90
CA ASN A 69 6.42 10.21 23.09
C ASN A 69 6.34 9.37 21.82
N THR A 70 7.19 9.72 20.87
CA THR A 70 7.19 9.13 19.51
C THR A 70 7.50 7.64 19.61
N THR A 71 8.44 7.25 20.46
CA THR A 71 8.79 5.82 20.65
C THR A 71 7.56 5.03 21.10
N LEU A 72 6.79 5.57 22.03
CA LEU A 72 5.58 4.91 22.59
C LEU A 72 4.49 4.85 21.51
N TYR A 73 4.37 5.88 20.68
CA TYR A 73 3.37 5.81 19.58
C TYR A 73 3.66 4.58 18.69
N TYR A 74 4.87 4.48 18.17
CA TYR A 74 5.28 3.40 17.23
C TYR A 74 5.25 2.05 17.94
N ALA A 75 5.60 1.97 19.21
CA ALA A 75 5.52 0.69 19.95
C ALA A 75 4.06 0.23 20.05
N THR A 76 3.11 1.13 20.26
CA THR A 76 1.68 0.82 20.40
C THR A 76 1.13 0.31 19.06
N ILE A 77 1.45 0.97 17.94
CA ILE A 77 1.01 0.60 16.56
C ILE A 77 1.50 -0.82 16.27
N LEU A 78 2.78 -1.09 16.52
CA LEU A 78 3.37 -2.41 16.17
C LEU A 78 2.77 -3.51 17.04
N ALA A 79 2.37 -3.21 18.28
CA ALA A 79 1.79 -4.22 19.19
C ALA A 79 0.32 -4.52 18.83
N HIS A 80 -0.36 -3.64 18.13
CA HIS A 80 -1.78 -3.80 17.74
C HIS A 80 -1.95 -3.40 16.27
N LEU A 81 -1.08 -3.90 15.39
CA LEU A 81 -0.99 -3.39 13.98
C LEU A 81 -2.30 -3.60 13.22
N GLU A 82 -2.81 -4.85 13.18
CA GLU A 82 -4.03 -5.21 12.42
C GLU A 82 -5.17 -4.25 12.82
N GLU A 83 -5.33 -3.99 14.11
CA GLU A 83 -6.45 -3.20 14.66
C GLU A 83 -6.21 -1.71 14.39
N MET A 84 -4.96 -1.24 14.48
CA MET A 84 -4.65 0.20 14.34
C MET A 84 -4.64 0.64 12.87
N LEU A 85 -4.34 -0.27 11.93
CA LEU A 85 -4.10 0.11 10.52
C LEU A 85 -5.28 0.92 9.98
N PRO A 86 -6.55 0.50 10.21
CA PRO A 86 -7.70 1.25 9.69
C PRO A 86 -7.93 2.61 10.34
N ILE A 87 -7.32 2.83 11.52
CA ILE A 87 -7.41 4.12 12.26
C ILE A 87 -6.33 5.07 11.75
N ILE A 88 -5.13 4.57 11.52
CA ILE A 88 -3.95 5.45 11.21
C ILE A 88 -3.77 5.60 9.70
N TYR A 89 -4.48 4.85 8.88
CA TYR A 89 -4.50 5.10 7.43
C TYR A 89 -5.93 4.85 6.90
N THR A 90 -6.03 4.26 5.72
CA THR A 90 -7.34 4.04 5.05
C THR A 90 -8.23 3.18 5.93
N PRO A 91 -9.52 3.54 6.13
CA PRO A 91 -10.17 4.76 5.62
C PRO A 91 -10.25 5.97 6.56
N THR A 92 -9.80 5.87 7.79
CA THR A 92 -9.92 6.98 8.75
C THR A 92 -9.11 8.19 8.26
N VAL A 93 -7.93 7.97 7.72
CA VAL A 93 -7.04 9.10 7.37
C VAL A 93 -7.78 10.03 6.38
N GLY A 94 -8.48 9.50 5.36
CA GLY A 94 -9.15 10.35 4.37
C GLY A 94 -10.27 11.14 5.00
N GLU A 95 -11.02 10.54 5.95
CA GLU A 95 -12.07 11.24 6.72
C GLU A 95 -11.43 12.33 7.59
N ALA A 96 -10.30 12.08 8.25
CA ALA A 96 -9.57 13.11 9.04
C ALA A 96 -9.12 14.27 8.10
N CYS A 97 -8.60 13.95 6.92
CA CYS A 97 -8.20 15.01 5.97
C CYS A 97 -9.42 15.83 5.60
N MET A 98 -10.55 15.16 5.35
CA MET A 98 -11.66 15.84 4.66
C MET A 98 -12.35 16.80 5.67
N GLU A 99 -12.51 16.38 6.94
CA GLU A 99 -13.40 17.09 7.93
C GLU A 99 -12.61 17.53 9.16
N TYR A 100 -11.41 17.01 9.38
CA TYR A 100 -10.67 17.24 10.65
C TYR A 100 -9.21 17.52 10.34
N SER A 101 -8.93 18.32 9.30
CA SER A 101 -7.57 18.54 8.77
C SER A 101 -6.63 19.11 9.84
N HIS A 102 -7.19 19.76 10.85
CA HIS A 102 -6.43 20.33 12.00
C HIS A 102 -5.63 19.22 12.72
N LEU A 103 -6.01 17.96 12.58
CA LEU A 103 -5.30 16.87 13.31
C LEU A 103 -3.89 16.72 12.73
N PHE A 104 -3.64 17.26 11.54
CA PHE A 104 -2.31 17.17 10.86
C PHE A 104 -1.45 18.42 11.10
N PHE A 105 -1.98 19.46 11.74
CA PHE A 105 -1.30 20.78 11.77
C PHE A 105 0.10 20.71 12.40
N ARG A 106 0.30 19.92 13.45
CA ARG A 106 1.57 19.94 14.21
C ARG A 106 2.61 19.00 13.58
N GLU A 107 2.28 18.29 12.52
CA GLU A 107 3.19 17.30 11.89
C GLU A 107 4.08 17.99 10.86
N ARG A 108 5.37 17.75 10.96
CA ARG A 108 6.38 18.32 10.06
C ARG A 108 6.04 17.89 8.65
N GLY A 109 5.80 18.84 7.76
CA GLY A 109 5.52 18.59 6.33
C GLY A 109 6.00 19.73 5.45
N VAL A 110 5.99 19.54 4.15
CA VAL A 110 6.39 20.57 3.18
C VAL A 110 5.23 20.79 2.22
N TYR A 111 4.89 22.05 2.04
CA TYR A 111 3.74 22.57 1.27
C TYR A 111 4.28 23.35 0.07
N PHE A 112 4.06 22.85 -1.14
CA PHE A 112 4.39 23.52 -2.43
C PHE A 112 3.12 23.98 -3.12
N ASN A 113 3.26 25.04 -3.93
CA ASN A 113 2.17 25.59 -4.77
C ASN A 113 2.87 26.50 -5.80
N ARG A 114 2.10 26.99 -6.75
CA ARG A 114 2.62 27.88 -7.84
C ARG A 114 3.17 29.19 -7.27
N LEU A 115 2.72 29.66 -6.13
CA LEU A 115 3.23 30.92 -5.56
C LEU A 115 4.74 30.80 -5.33
N TYR A 116 5.28 29.57 -5.18
CA TYR A 116 6.68 29.32 -4.79
C TYR A 116 7.50 28.82 -5.99
N LYS A 117 7.02 29.04 -7.21
CA LYS A 117 7.71 28.59 -8.44
C LYS A 117 9.15 29.14 -8.44
N GLY A 118 10.12 28.31 -8.76
CA GLY A 118 11.56 28.63 -8.77
C GLY A 118 12.20 28.66 -7.40
N GLN A 119 11.44 28.52 -6.31
CA GLN A 119 11.99 28.49 -4.93
C GLN A 119 11.91 27.07 -4.32
N PHE A 120 11.45 26.06 -5.05
CA PHE A 120 11.25 24.70 -4.44
C PHE A 120 12.53 24.21 -3.77
N ARG A 121 13.65 24.29 -4.46
CA ARG A 121 14.95 23.84 -3.89
C ARG A 121 15.25 24.59 -2.58
N ASN A 122 15.10 25.92 -2.55
CA ASN A 122 15.39 26.73 -1.33
C ASN A 122 14.48 26.26 -0.18
N ILE A 123 13.20 26.00 -0.48
CA ILE A 123 12.22 25.55 0.54
C ILE A 123 12.69 24.23 1.15
N MET A 124 13.15 23.31 0.31
CA MET A 124 13.63 21.99 0.81
C MET A 124 14.84 22.16 1.72
N ARG A 125 15.84 22.91 1.27
CA ARG A 125 17.07 23.19 2.08
C ARG A 125 16.63 23.76 3.43
N ASP A 126 15.71 24.73 3.42
CA ASP A 126 15.28 25.45 4.65
C ASP A 126 14.57 24.49 5.60
N ALA A 127 13.95 23.39 5.13
CA ALA A 127 13.23 22.42 5.98
C ALA A 127 14.20 21.78 6.98
N GLY A 128 15.51 21.78 6.69
CA GLY A 128 16.53 21.37 7.67
C GLY A 128 16.56 19.87 7.96
N TYR A 129 16.35 19.01 6.95
CA TYR A 129 16.47 17.55 7.16
C TYR A 129 17.92 17.12 6.90
N GLN A 130 18.33 15.99 7.47
CA GLN A 130 19.67 15.40 7.20
C GLN A 130 19.50 14.50 5.97
N LYS A 131 19.93 13.25 6.02
CA LYS A 131 20.00 12.36 4.83
C LYS A 131 18.62 11.70 4.65
N VAL A 132 17.68 12.47 4.09
CA VAL A 132 16.27 12.03 3.86
C VAL A 132 16.29 10.73 3.05
N GLU A 133 15.45 9.77 3.45
CA GLU A 133 15.40 8.42 2.83
C GLU A 133 14.12 8.23 2.04
N VAL A 134 13.01 8.77 2.56
CA VAL A 134 11.69 8.57 1.92
C VAL A 134 10.95 9.91 1.88
N VAL A 135 10.37 10.24 0.73
CA VAL A 135 9.43 11.39 0.58
C VAL A 135 8.10 10.84 0.02
N VAL A 136 6.98 11.08 0.68
CA VAL A 136 5.64 10.75 0.11
C VAL A 136 5.01 12.05 -0.37
N ILE A 137 4.63 12.09 -1.65
CA ILE A 137 4.02 13.31 -2.25
C ILE A 137 2.63 12.93 -2.74
N THR A 138 1.67 13.83 -2.51
CA THR A 138 0.32 13.73 -3.09
C THR A 138 -0.07 15.15 -3.57
N ASP A 139 -1.11 15.22 -4.40
CA ASP A 139 -1.76 16.51 -4.75
C ASP A 139 -3.18 16.52 -4.21
N GLY A 140 -3.58 15.50 -3.45
CA GLY A 140 -4.93 15.45 -2.89
C GLY A 140 -5.99 15.10 -3.90
N SER A 141 -5.61 14.69 -5.13
CA SER A 141 -6.60 14.47 -6.23
C SER A 141 -7.44 13.19 -6.02
N ARG A 142 -6.89 12.16 -5.36
CA ARG A 142 -7.45 10.86 -4.92
C ARG A 142 -7.36 9.86 -6.07
N ILE A 143 -6.75 8.69 -5.83
CA ILE A 143 -6.67 7.57 -6.82
C ILE A 143 -8.08 7.14 -7.28
N LEU A 144 -9.05 7.14 -6.36
CA LEU A 144 -10.45 6.70 -6.64
C LEU A 144 -11.25 7.96 -7.01
N GLY A 147 -12.99 11.78 -3.04
CA GLY A 147 -13.28 13.14 -2.51
C GLY A 147 -12.03 14.04 -2.60
N ASP A 148 -11.84 14.83 -3.68
CA ASP A 148 -10.74 15.83 -3.82
C ASP A 148 -10.45 16.53 -2.48
N LEU A 149 -9.25 16.38 -1.93
CA LEU A 149 -8.92 16.97 -0.60
C LEU A 149 -8.04 18.21 -0.79
N GLY A 150 -7.56 18.52 -2.00
CA GLY A 150 -6.64 19.64 -2.18
C GLY A 150 -5.48 19.61 -1.18
N SER A 151 -5.18 20.76 -0.59
CA SER A 151 -4.13 20.97 0.43
C SER A 151 -4.25 19.98 1.59
N ASN A 152 -5.48 19.60 1.99
CA ASN A 152 -5.75 18.70 3.13
C ASN A 152 -5.18 17.32 2.80
N GLY A 153 -4.85 17.03 1.55
CA GLY A 153 -4.08 15.82 1.22
C GLY A 153 -2.74 15.66 1.96
N ILE A 154 -2.18 16.70 2.55
CA ILE A 154 -0.95 16.60 3.39
C ILE A 154 -1.12 15.45 4.39
N GLY A 155 -2.34 15.23 4.91
CA GLY A 155 -2.64 14.19 5.91
C GLY A 155 -2.44 12.78 5.36
N ILE A 156 -2.69 12.58 4.06
CA ILE A 156 -2.40 11.33 3.34
C ILE A 156 -0.90 11.08 3.32
N SER A 157 -0.09 12.06 2.94
CA SER A 157 1.39 11.93 2.96
C SER A 157 1.88 11.63 4.39
N ILE A 158 1.34 12.35 5.38
CA ILE A 158 1.74 12.15 6.80
C ILE A 158 1.44 10.71 7.23
N GLY A 159 0.21 10.21 6.98
CA GLY A 159 -0.18 8.86 7.38
C GLY A 159 0.69 7.81 6.70
N LYS A 160 1.04 8.01 5.43
CA LYS A 160 1.81 7.04 4.63
C LYS A 160 3.27 7.01 5.11
N CYS A 161 3.85 8.18 5.39
CA CYS A 161 5.22 8.27 5.93
C CYS A 161 5.27 7.47 7.22
N SER A 162 4.28 7.61 8.10
CA SER A 162 4.24 6.89 9.39
C SER A 162 4.23 5.36 9.16
N LEU A 163 3.60 4.87 8.10
CA LEU A 163 3.61 3.41 7.78
C LEU A 163 5.00 2.94 7.32
N TYR A 164 5.82 3.76 6.64
CA TYR A 164 7.25 3.43 6.37
C TYR A 164 8.02 3.26 7.70
N VAL A 165 7.83 4.18 8.64
CA VAL A 165 8.51 4.14 9.97
C VAL A 165 8.10 2.88 10.72
N ALA A 166 6.79 2.60 10.81
CA ALA A 166 6.30 1.42 11.55
C ALA A 166 6.70 0.13 10.81
N GLY A 167 6.51 0.09 9.49
CA GLY A 167 6.62 -1.17 8.71
C GLY A 167 8.03 -1.60 8.38
N ALA A 168 8.94 -0.67 8.12
CA ALA A 168 10.33 -0.98 7.71
C ALA A 168 11.40 -0.28 8.59
N GLY A 169 11.01 0.45 9.63
CA GLY A 169 11.99 1.17 10.48
C GLY A 169 12.79 2.17 9.68
N ILE A 170 12.15 2.87 8.74
CA ILE A 170 12.69 4.16 8.30
C ILE A 170 12.74 5.05 9.54
N ASP A 171 13.87 5.70 9.79
CA ASP A 171 14.05 6.54 10.99
C ASP A 171 13.01 7.65 10.87
N PRO A 172 12.20 7.97 11.90
CA PRO A 172 11.19 9.01 11.72
C PRO A 172 11.73 10.41 11.42
N ARG A 173 13.03 10.65 11.62
CA ARG A 173 13.66 11.95 11.28
C ARG A 173 14.03 12.03 9.81
N LEU A 174 13.95 10.91 9.07
CA LEU A 174 14.52 10.80 7.71
C LEU A 174 13.41 10.58 6.71
N ILE A 175 12.19 10.96 7.04
CA ILE A 175 11.04 10.85 6.13
C ILE A 175 10.28 12.18 6.03
N VAL A 176 9.83 12.56 4.83
CA VAL A 176 9.21 13.89 4.58
C VAL A 176 7.84 13.71 3.92
N PRO A 177 6.76 14.18 4.55
CA PRO A 177 5.47 14.27 3.88
C PRO A 177 5.29 15.59 3.12
N VAL A 178 4.84 15.49 1.89
CA VAL A 178 4.77 16.63 0.95
C VAL A 178 3.35 16.70 0.39
N ILE A 179 2.83 17.93 0.29
CA ILE A 179 1.61 18.25 -0.50
C ILE A 179 2.06 19.18 -1.62
N LEU A 180 1.78 18.78 -2.86
CA LEU A 180 1.89 19.67 -4.02
C LEU A 180 0.48 20.18 -4.25
N ASP A 181 0.21 21.39 -3.77
CA ASP A 181 -1.13 22.02 -3.93
C ASP A 181 -1.17 22.68 -5.31
N VAL A 182 -1.87 22.05 -6.23
CA VAL A 182 -2.10 22.60 -7.60
C VAL A 182 -3.57 22.97 -7.69
N GLY A 183 -4.20 23.34 -6.57
CA GLY A 183 -5.63 23.67 -6.50
C GLY A 183 -6.53 22.48 -6.21
N THR A 184 -7.84 22.69 -6.27
CA THR A 184 -8.85 21.68 -5.84
C THR A 184 -10.12 21.95 -6.62
N ASN A 185 -10.81 20.88 -7.00
CA ASN A 185 -12.12 20.96 -7.67
C ASN A 185 -13.20 20.67 -6.65
N ASN A 186 -12.85 20.56 -5.36
CA ASN A 186 -13.81 20.36 -4.26
C ASN A 186 -14.53 21.69 -4.08
N GLU A 187 -15.78 21.73 -4.46
CA GLU A 187 -16.57 22.99 -4.49
C GLU A 187 -16.81 23.44 -3.05
N ARG A 188 -16.99 22.53 -2.10
CA ARG A 188 -17.19 22.95 -0.69
C ARG A 188 -15.93 23.72 -0.27
N TYR A 189 -14.77 23.12 -0.49
CA TYR A 189 -13.49 23.77 -0.10
C TYR A 189 -13.37 25.14 -0.79
N LEU A 190 -13.69 25.22 -2.08
CA LEU A 190 -13.48 26.52 -2.81
C LEU A 190 -14.29 27.63 -2.14
N GLN A 191 -15.41 27.29 -1.45
CA GLN A 191 -16.30 28.26 -0.78
C GLN A 191 -16.06 28.31 0.73
N ASP A 192 -15.16 27.48 1.27
CA ASP A 192 -15.02 27.34 2.74
C ASP A 192 -14.04 28.41 3.26
N LYS A 193 -14.49 29.27 4.13
CA LYS A 193 -13.70 30.37 4.76
C LYS A 193 -12.49 29.78 5.47
N ASP A 194 -12.54 28.51 5.87
CA ASP A 194 -11.47 27.88 6.70
C ASP A 194 -10.55 27.00 5.86
N TYR A 195 -10.78 26.90 4.55
CA TYR A 195 -9.80 26.21 3.65
C TYR A 195 -8.51 27.02 3.54
N LEU A 196 -7.35 26.39 3.85
CA LEU A 196 -6.08 27.13 3.98
C LEU A 196 -5.24 26.95 2.72
N GLY A 197 -5.76 26.23 1.71
CA GLY A 197 -4.98 25.91 0.50
C GLY A 197 -5.16 26.94 -0.60
N MET A 198 -4.64 26.65 -1.79
CA MET A 198 -4.81 27.48 -3.02
C MET A 198 -6.28 27.46 -3.43
N ARG A 199 -6.98 28.59 -3.35
CA ARG A 199 -8.44 28.63 -3.54
C ARG A 199 -8.72 28.83 -5.03
N GLU A 200 -8.39 27.83 -5.81
CA GLU A 200 -8.63 27.85 -7.27
C GLU A 200 -8.79 26.41 -7.75
N LYS A 201 -9.46 26.24 -8.88
CA LYS A 201 -9.59 24.94 -9.53
C LYS A 201 -8.20 24.41 -9.93
N ARG A 202 -8.11 23.10 -10.15
CA ARG A 202 -6.84 22.39 -10.42
C ARG A 202 -6.25 22.93 -11.71
N LEU A 203 -4.97 23.20 -11.65
CA LEU A 203 -4.14 23.64 -12.78
C LEU A 203 -4.24 22.65 -13.93
N GLY A 204 -4.13 23.16 -15.15
CA GLY A 204 -4.02 22.29 -16.33
C GLY A 204 -2.70 21.58 -16.34
N ASP A 205 -2.54 20.66 -17.28
CA ASP A 205 -1.44 19.68 -17.33
C ASP A 205 -0.12 20.39 -17.49
N GLU A 206 -0.04 21.39 -18.36
CA GLU A 206 1.25 22.07 -18.61
C GLU A 206 1.81 22.67 -17.32
N GLU A 207 1.01 23.47 -16.60
CA GLU A 207 1.44 24.10 -15.34
C GLU A 207 1.64 23.02 -14.25
N PHE A 208 0.83 21.97 -14.25
CA PHE A 208 0.93 20.84 -13.30
C PHE A 208 2.33 20.24 -13.46
N TYR A 209 2.74 19.92 -14.69
CA TYR A 209 4.05 19.26 -14.92
C TYR A 209 5.16 20.27 -14.70
N GLU A 210 4.95 21.55 -14.94
CA GLU A 210 6.03 22.54 -14.66
C GLU A 210 6.40 22.45 -13.18
N LEU A 211 5.39 22.43 -12.33
CA LEU A 211 5.63 22.47 -10.85
C LEU A 211 6.15 21.09 -10.39
N LEU A 212 5.58 19.99 -10.90
CA LEU A 212 5.98 18.62 -10.46
C LEU A 212 7.39 18.34 -10.99
N ASP A 213 7.74 18.79 -12.21
CA ASP A 213 9.14 18.73 -12.70
C ASP A 213 10.06 19.45 -11.75
N GLU A 214 9.67 20.65 -11.32
CA GLU A 214 10.56 21.44 -10.43
C GLU A 214 10.72 20.67 -9.12
N PHE A 215 9.64 20.06 -8.66
CA PHE A 215 9.66 19.28 -7.40
C PHE A 215 10.65 18.12 -7.54
N MET A 216 10.56 17.38 -8.64
CA MET A 216 11.38 16.15 -8.82
C MET A 216 12.86 16.57 -8.88
N GLU A 217 13.15 17.65 -9.63
CA GLU A 217 14.56 18.08 -9.87
C GLU A 217 15.16 18.65 -8.57
N ALA A 218 14.42 19.48 -7.85
CA ALA A 218 14.81 20.04 -6.54
C ALA A 218 15.08 18.91 -5.55
N ALA A 219 14.14 17.99 -5.34
CA ALA A 219 14.33 16.82 -4.44
C ALA A 219 15.57 16.00 -4.82
N SER A 220 15.79 15.73 -6.10
CA SER A 220 16.95 14.91 -6.54
C SER A 220 18.25 15.62 -6.18
N ALA A 221 18.27 16.95 -6.17
CA ALA A 221 19.46 17.75 -5.77
C ALA A 221 19.60 17.83 -4.25
N GLU A 222 18.54 18.19 -3.54
CA GLU A 222 18.61 18.55 -2.10
C GLU A 222 18.45 17.32 -1.23
N TRP A 223 17.64 16.36 -1.66
CA TRP A 223 17.42 15.06 -0.96
C TRP A 223 17.86 13.91 -1.88
N PRO A 224 19.16 13.84 -2.23
CA PRO A 224 19.61 12.93 -3.28
C PRO A 224 19.50 11.43 -2.92
N ASN A 225 19.39 11.11 -1.64
CA ASN A 225 19.36 9.72 -1.13
C ASN A 225 17.92 9.23 -1.00
N ALA A 226 16.93 10.07 -1.33
CA ALA A 226 15.50 9.79 -1.05
C ALA A 226 14.89 8.93 -2.14
N VAL A 227 13.98 8.06 -1.76
CA VAL A 227 12.96 7.48 -2.66
C VAL A 227 11.74 8.42 -2.67
N ILE A 228 11.25 8.77 -3.86
CA ILE A 228 10.07 9.65 -4.04
C ILE A 228 8.89 8.72 -4.30
N GLN A 229 7.93 8.66 -3.39
CA GLN A 229 6.74 7.78 -3.61
C GLN A 229 5.51 8.65 -3.87
N PHE A 230 4.91 8.47 -5.04
CA PHE A 230 3.63 9.12 -5.38
C PHE A 230 2.47 8.39 -4.72
N GLU A 231 1.61 9.15 -4.04
CA GLU A 231 0.45 8.58 -3.31
C GLU A 231 -0.81 9.34 -3.70
N ASP A 232 -1.86 8.61 -4.04
CA ASP A 232 -3.25 9.15 -4.11
C ASP A 232 -3.35 10.22 -5.20
N PHE A 233 -2.67 10.00 -6.33
CA PHE A 233 -2.87 10.83 -7.55
C PHE A 233 -3.97 10.19 -8.40
N SER A 234 -4.83 11.07 -8.93
CA SER A 234 -5.94 10.78 -9.86
C SER A 234 -5.40 10.06 -11.10
N ASN A 235 -6.28 9.29 -11.74
CA ASN A 235 -5.99 8.45 -12.93
C ASN A 235 -5.58 9.27 -14.12
N ASN A 236 -6.03 10.54 -14.27
CA ASN A 236 -5.56 11.40 -15.39
C ASN A 236 -4.05 11.66 -15.27
N HIS A 237 -3.46 11.49 -14.10
CA HIS A 237 -2.02 11.82 -13.93
C HIS A 237 -1.17 10.63 -13.46
N CYS A 238 -1.68 9.67 -12.68
CA CYS A 238 -0.78 8.76 -11.90
C CYS A 238 0.11 7.90 -12.82
N PHE A 239 -0.48 7.36 -13.90
CA PHE A 239 0.23 6.50 -14.89
C PHE A 239 1.20 7.37 -15.64
N ASP A 240 0.76 8.54 -16.12
CA ASP A 240 1.63 9.47 -16.91
C ASP A 240 2.82 9.97 -16.08
N ILE A 241 2.61 10.23 -14.77
CA ILE A 241 3.74 10.63 -13.87
C ILE A 241 4.82 9.53 -13.91
N MET A 242 4.47 8.26 -13.77
CA MET A 242 5.48 7.17 -13.72
C MET A 242 6.15 7.06 -15.08
N GLU A 243 5.40 7.23 -16.17
CA GLU A 243 6.06 7.19 -17.52
C GLU A 243 7.05 8.35 -17.61
N ARG A 244 6.76 9.52 -17.01
CA ARG A 244 7.60 10.72 -17.16
C ARG A 244 8.89 10.58 -16.35
N TYR A 245 8.84 9.97 -15.17
CA TYR A 245 9.92 10.08 -14.16
C TYR A 245 10.60 8.74 -13.89
N GLN A 246 10.01 7.60 -14.24
CA GLN A 246 10.49 6.30 -13.72
C GLN A 246 11.99 6.11 -13.98
N LYS A 247 12.51 6.50 -15.15
CA LYS A 247 13.95 6.25 -15.48
C LYS A 247 14.86 7.36 -14.93
N LYS A 248 14.35 8.58 -14.82
CA LYS A 248 15.13 9.79 -14.50
C LYS A 248 15.38 9.92 -12.99
N TYR A 249 14.46 9.44 -12.15
CA TYR A 249 14.47 9.70 -10.69
C TYR A 249 14.18 8.38 -9.95
N ARG A 250 14.48 8.37 -8.66
CA ARG A 250 14.23 7.23 -7.76
C ARG A 250 12.79 7.32 -7.27
N CYS A 251 11.84 6.73 -7.99
CA CYS A 251 10.43 6.96 -7.68
C CYS A 251 9.53 5.77 -8.01
N PHE A 252 8.43 5.68 -7.27
CA PHE A 252 7.39 4.69 -7.55
C PHE A 252 6.05 5.21 -7.05
N ASN A 253 5.02 4.53 -7.47
CA ASN A 253 3.61 4.82 -7.10
C ASN A 253 3.06 3.57 -6.42
N ASP A 254 2.71 3.70 -5.14
CA ASP A 254 2.30 2.54 -4.35
C ASP A 254 0.91 2.05 -4.79
N ASP A 255 -0.01 2.95 -5.13
CA ASP A 255 -1.36 2.61 -5.61
C ASP A 255 -1.27 1.68 -6.82
N ILE A 256 -0.40 1.99 -7.77
CA ILE A 256 -0.29 1.17 -9.01
C ILE A 256 0.63 -0.03 -8.76
N GLN A 257 1.89 0.23 -8.44
CA GLN A 257 2.97 -0.79 -8.43
C GLN A 257 2.90 -1.60 -7.13
N GLY A 258 2.65 -0.97 -5.98
CA GLY A 258 2.54 -1.67 -4.70
C GLY A 258 1.40 -2.67 -4.74
N THR A 259 0.22 -2.19 -5.14
CA THR A 259 -0.98 -3.03 -5.21
C THR A 259 -0.71 -4.28 -6.04
N GLY A 260 -0.28 -4.11 -7.27
CA GLY A 260 -0.01 -5.26 -8.17
C GLY A 260 0.99 -6.25 -7.54
N ALA A 261 2.01 -5.76 -6.86
CA ALA A 261 3.05 -6.64 -6.26
C ALA A 261 2.38 -7.44 -5.15
N VAL A 262 1.56 -6.83 -4.31
CA VAL A 262 0.94 -7.54 -3.15
C VAL A 262 -0.08 -8.55 -3.70
N ILE A 263 -0.89 -8.13 -4.64
CA ILE A 263 -1.99 -9.02 -5.11
C ILE A 263 -1.36 -10.21 -5.84
N ALA A 264 -0.38 -10.00 -6.68
CA ALA A 264 0.30 -11.08 -7.41
C ALA A 264 0.86 -12.11 -6.43
N ALA A 265 1.54 -11.65 -5.38
CA ALA A 265 2.15 -12.55 -4.37
C ALA A 265 1.08 -13.42 -3.73
N GLY A 266 -0.03 -12.83 -3.28
CA GLY A 266 -1.13 -13.60 -2.65
C GLY A 266 -1.77 -14.56 -3.63
N PHE A 267 -2.02 -14.07 -4.84
CA PHE A 267 -2.66 -14.87 -5.91
C PHE A 267 -1.81 -16.12 -6.23
N LEU A 268 -0.50 -16.03 -6.36
CA LEU A 268 0.31 -17.22 -6.65
C LEU A 268 0.25 -18.22 -5.50
N ASN A 269 0.21 -17.75 -4.26
CA ASN A 269 0.01 -18.67 -3.11
C ASN A 269 -1.39 -19.28 -3.19
N ALA A 270 -2.43 -18.55 -3.58
CA ALA A 270 -3.77 -19.12 -3.79
C ALA A 270 -3.70 -20.22 -4.85
N ILE A 271 -2.96 -20.00 -5.95
CA ILE A 271 -2.78 -21.06 -6.97
C ILE A 271 -2.17 -22.31 -6.33
N LYS A 272 -1.07 -22.18 -5.57
CA LYS A 272 -0.43 -23.32 -4.88
C LYS A 272 -1.46 -24.06 -4.05
N LEU A 273 -2.30 -23.37 -3.29
CA LEU A 273 -3.27 -24.07 -2.39
C LEU A 273 -4.37 -24.72 -3.20
N SER A 274 -4.70 -24.21 -4.40
CA SER A 274 -5.88 -24.72 -5.14
C SER A 274 -5.54 -26.06 -5.80
N GLY A 275 -4.25 -26.41 -5.96
CA GLY A 275 -3.82 -27.57 -6.76
C GLY A 275 -3.89 -27.33 -8.26
N VAL A 276 -4.90 -26.55 -8.73
CA VAL A 276 -5.09 -26.07 -10.14
C VAL A 276 -3.91 -25.14 -10.48
N SER A 277 -2.89 -25.68 -11.14
CA SER A 277 -1.60 -25.01 -11.50
C SER A 277 -1.80 -23.77 -12.38
N PRO A 278 -0.80 -22.86 -12.48
CA PRO A 278 -0.99 -21.58 -13.13
C PRO A 278 -1.49 -21.70 -14.58
N LEU A 279 -0.96 -22.66 -15.37
CA LEU A 279 -1.44 -22.78 -16.79
C LEU A 279 -2.83 -23.45 -16.86
N GLN A 280 -3.35 -23.99 -15.77
CA GLN A 280 -4.70 -24.62 -15.73
C GLN A 280 -5.73 -23.64 -15.17
N GLN A 281 -5.31 -22.49 -14.66
CA GLN A 281 -6.27 -21.49 -14.12
C GLN A 281 -7.01 -20.85 -15.30
N ARG A 282 -8.28 -20.56 -15.09
CA ARG A 282 -9.12 -19.72 -15.97
C ARG A 282 -9.65 -18.56 -15.11
N ILE A 283 -9.09 -17.39 -15.35
CA ILE A 283 -9.20 -16.24 -14.43
C ILE A 283 -10.12 -15.19 -15.04
N VAL A 284 -11.28 -14.96 -14.40
CA VAL A 284 -12.12 -13.78 -14.74
C VAL A 284 -11.56 -12.58 -13.99
N VAL A 285 -11.15 -11.58 -14.74
CA VAL A 285 -10.75 -10.27 -14.21
C VAL A 285 -11.96 -9.38 -14.37
N PHE A 286 -12.71 -9.25 -13.29
CA PHE A 286 -13.91 -8.38 -13.23
C PHE A 286 -13.46 -6.95 -12.97
N GLY A 287 -13.46 -6.13 -14.02
CA GLY A 287 -12.93 -4.75 -14.00
C GLY A 287 -11.79 -4.65 -15.00
N ALA A 288 -11.76 -3.61 -15.83
CA ALA A 288 -10.82 -3.47 -16.96
C ALA A 288 -10.20 -2.07 -17.02
N GLY A 289 -10.11 -1.35 -15.90
CA GLY A 289 -9.34 -0.10 -15.86
C GLY A 289 -7.86 -0.39 -15.97
N SER A 290 -7.04 0.65 -16.14
CA SER A 290 -5.57 0.57 -16.28
C SER A 290 -4.98 -0.19 -15.08
N ALA A 291 -5.45 0.10 -13.87
CA ALA A 291 -4.97 -0.53 -12.62
C ALA A 291 -5.26 -2.04 -12.68
N ALA A 292 -6.50 -2.44 -13.02
CA ALA A 292 -6.93 -3.85 -13.00
C ALA A 292 -6.07 -4.62 -14.00
N VAL A 293 -5.83 -4.04 -15.17
CA VAL A 293 -5.03 -4.72 -16.20
C VAL A 293 -3.58 -4.81 -15.68
N GLY A 294 -3.06 -3.76 -15.01
CA GLY A 294 -1.73 -3.75 -14.34
C GLY A 294 -1.57 -4.90 -13.33
N VAL A 295 -2.61 -5.18 -12.55
CA VAL A 295 -2.59 -6.30 -11.58
C VAL A 295 -2.50 -7.62 -12.35
N ALA A 296 -3.28 -7.78 -13.41
CA ALA A 296 -3.26 -9.02 -14.23
C ALA A 296 -1.86 -9.20 -14.81
N ASN A 297 -1.28 -8.13 -15.30
CA ASN A 297 0.05 -8.19 -15.93
C ASN A 297 1.11 -8.50 -14.86
N ASN A 298 1.00 -7.93 -13.67
CA ASN A 298 1.93 -8.25 -12.57
C ASN A 298 1.82 -9.72 -12.19
N ILE A 299 0.63 -10.30 -12.19
CA ILE A 299 0.44 -11.75 -11.92
C ILE A 299 1.21 -12.56 -12.96
N ALA A 300 0.99 -12.25 -14.22
CA ALA A 300 1.66 -12.95 -15.33
C ALA A 300 3.17 -12.83 -15.15
N ALA A 301 3.67 -11.62 -14.88
CA ALA A 301 5.12 -11.36 -14.77
C ALA A 301 5.72 -12.19 -13.64
N LEU A 302 5.01 -12.27 -12.52
CA LEU A 302 5.51 -13.01 -11.35
C LEU A 302 5.49 -14.50 -11.68
N ALA A 303 4.39 -15.03 -12.22
CA ALA A 303 4.33 -16.47 -12.59
C ALA A 303 5.46 -16.78 -13.60
N ALA A 304 5.74 -15.89 -14.53
CA ALA A 304 6.83 -16.09 -15.52
C ALA A 304 8.18 -16.13 -14.80
N ARG A 305 8.41 -15.25 -13.83
CA ARG A 305 9.69 -15.21 -13.06
C ARG A 305 9.83 -16.47 -12.18
N MET A 306 8.79 -16.91 -11.48
CA MET A 306 8.96 -17.93 -10.45
C MET A 306 8.96 -19.32 -11.14
N TYR A 307 8.35 -19.45 -12.32
CA TYR A 307 8.06 -20.79 -12.90
C TYR A 307 8.55 -20.95 -14.32
N LYS A 308 8.96 -19.86 -14.99
CA LYS A 308 9.52 -19.85 -16.39
C LYS A 308 8.51 -20.51 -17.33
N PHE A 309 7.21 -20.35 -17.10
CA PHE A 309 6.22 -20.48 -18.19
C PHE A 309 6.36 -19.32 -19.16
N PRO A 310 6.18 -19.56 -20.48
CA PRO A 310 6.13 -18.47 -21.45
C PRO A 310 5.03 -17.48 -21.08
N VAL A 311 5.38 -16.21 -20.90
CA VAL A 311 4.41 -15.19 -20.42
C VAL A 311 3.15 -15.19 -21.33
N GLN A 312 3.30 -15.39 -22.64
CA GLN A 312 2.17 -15.49 -23.61
C GLN A 312 1.19 -16.56 -23.14
N ASP A 313 1.63 -17.70 -22.62
CA ASP A 313 0.71 -18.79 -22.16
C ASP A 313 -0.04 -18.32 -20.91
N LEU A 314 0.61 -17.58 -20.03
CA LEU A 314 -0.01 -17.05 -18.80
C LEU A 314 -1.03 -15.96 -19.18
N VAL A 315 -0.71 -15.11 -20.14
CA VAL A 315 -1.69 -14.06 -20.58
C VAL A 315 -3.00 -14.74 -21.01
N LYS A 316 -2.95 -15.92 -21.61
CA LYS A 316 -4.15 -16.62 -22.14
C LYS A 316 -4.94 -17.28 -21.02
N THR A 317 -4.53 -17.17 -19.76
CA THR A 317 -5.37 -17.66 -18.63
C THR A 317 -6.38 -16.58 -18.20
N PHE A 318 -6.25 -15.35 -18.71
CA PHE A 318 -7.04 -14.18 -18.24
C PHE A 318 -8.18 -13.87 -19.19
N TYR A 319 -9.36 -13.70 -18.60
CA TYR A 319 -10.64 -13.32 -19.26
C TYR A 319 -11.07 -11.99 -18.65
N LEU A 320 -10.80 -10.91 -19.39
CA LEU A 320 -11.01 -9.51 -18.94
C LEU A 320 -12.48 -9.12 -19.19
N VAL A 321 -13.12 -8.56 -18.18
CA VAL A 321 -14.54 -8.13 -18.25
C VAL A 321 -14.58 -6.64 -17.97
N ASP A 322 -15.03 -5.88 -18.97
CA ASP A 322 -15.26 -4.43 -18.79
C ASP A 322 -16.78 -4.20 -18.66
N THR A 323 -17.25 -2.96 -18.70
CA THR A 323 -18.70 -2.61 -18.54
C THR A 323 -19.49 -3.13 -19.76
N LYS A 324 -18.84 -3.40 -20.90
CA LYS A 324 -19.57 -3.98 -22.06
C LYS A 324 -19.70 -5.52 -21.98
N GLY A 325 -18.78 -6.20 -21.29
CA GLY A 325 -18.77 -7.66 -21.22
C GLY A 325 -17.35 -8.20 -21.40
N LEU A 326 -17.28 -9.46 -21.83
CA LEU A 326 -15.99 -10.14 -22.03
C LEU A 326 -15.29 -9.34 -23.11
N VAL A 327 -14.07 -8.90 -22.85
CA VAL A 327 -13.21 -8.21 -23.84
C VAL A 327 -12.65 -9.24 -24.82
N THR A 328 -13.00 -9.09 -26.10
CA THR A 328 -12.60 -10.00 -27.19
C THR A 328 -12.23 -9.16 -28.41
N THR A 329 -11.50 -9.75 -29.35
CA THR A 329 -11.08 -9.09 -30.62
C THR A 329 -12.23 -9.08 -31.63
N THR A 330 -13.31 -9.82 -31.34
CA THR A 330 -14.43 -10.05 -32.28
C THR A 330 -15.70 -9.34 -31.81
N ARG A 331 -15.59 -8.51 -30.78
CA ARG A 331 -16.73 -7.87 -30.09
C ARG A 331 -17.29 -6.71 -30.92
N GLY A 332 -16.44 -5.98 -31.66
CA GLY A 332 -16.84 -4.96 -32.66
C GLY A 332 -16.48 -3.53 -32.29
N ASP A 333 -16.10 -3.27 -31.05
CA ASP A 333 -15.70 -1.93 -30.57
C ASP A 333 -14.20 -1.77 -30.79
N GLN A 334 -13.72 -0.53 -30.77
CA GLN A 334 -12.29 -0.16 -30.72
C GLN A 334 -11.83 -0.20 -29.26
N LEU A 335 -11.00 -1.17 -28.92
CA LEU A 335 -10.56 -1.36 -27.51
C LEU A 335 -9.55 -0.29 -27.12
N ALA A 336 -9.68 0.29 -25.91
CA ALA A 336 -8.61 1.05 -25.23
C ALA A 336 -7.29 0.27 -25.29
N ALA A 337 -6.15 0.96 -25.39
CA ALA A 337 -4.82 0.33 -25.52
C ALA A 337 -4.61 -0.76 -24.45
N HIS A 338 -4.88 -0.47 -23.17
CA HIS A 338 -4.53 -1.40 -22.06
C HIS A 338 -5.37 -2.68 -22.15
N LYS A 339 -6.51 -2.66 -22.84
CA LYS A 339 -7.44 -3.82 -22.88
C LYS A 339 -7.01 -4.78 -23.99
N LYS A 340 -6.23 -4.33 -24.96
CA LYS A 340 -5.91 -5.12 -26.18
C LYS A 340 -5.10 -6.38 -25.81
N LEU A 341 -4.12 -6.23 -24.94
CA LEU A 341 -3.14 -7.27 -24.55
C LEU A 341 -3.88 -8.51 -24.01
N LEU A 342 -4.95 -8.31 -23.22
CA LEU A 342 -5.69 -9.41 -22.53
C LEU A 342 -6.98 -9.78 -23.28
N ALA A 343 -7.26 -9.15 -24.42
CA ALA A 343 -8.44 -9.49 -25.23
C ALA A 343 -8.34 -10.93 -25.72
N ARG A 344 -9.42 -11.70 -25.60
CA ARG A 344 -9.54 -13.07 -26.13
C ARG A 344 -9.46 -12.95 -27.65
N THR A 345 -8.73 -13.87 -28.28
CA THR A 345 -8.63 -14.04 -29.75
C THR A 345 -9.42 -15.29 -30.14
N ASP A 346 -9.86 -16.07 -29.16
CA ASP A 346 -10.40 -17.45 -29.33
C ASP A 346 -11.92 -17.47 -29.10
N VAL A 347 -12.58 -16.33 -29.21
CA VAL A 347 -14.06 -16.22 -29.02
C VAL A 347 -14.60 -15.50 -30.26
N SER A 348 -15.61 -16.13 -30.86
CA SER A 348 -16.30 -15.72 -32.11
C SER A 348 -17.13 -14.46 -31.82
N ALA A 349 -17.42 -13.70 -32.88
CA ALA A 349 -18.30 -12.51 -32.82
C ALA A 349 -19.68 -12.92 -32.26
N GLU A 350 -20.21 -14.06 -32.69
CA GLU A 350 -21.56 -14.57 -32.30
C GLU A 350 -21.52 -14.86 -30.80
N ASP A 351 -20.47 -15.51 -30.31
CA ASP A 351 -20.35 -15.76 -28.86
C ASP A 351 -20.16 -14.43 -28.12
N SER A 352 -19.32 -13.50 -28.61
CA SER A 352 -19.05 -12.23 -27.92
C SER A 352 -20.36 -11.49 -27.64
N ALA A 353 -21.32 -11.52 -28.58
CA ALA A 353 -22.64 -10.83 -28.48
C ALA A 353 -23.43 -11.41 -27.32
N LYS A 354 -23.14 -12.65 -26.93
CA LYS A 354 -23.88 -13.34 -25.84
C LYS A 354 -23.01 -13.45 -24.58
N LEU A 355 -22.04 -12.54 -24.42
CA LEU A 355 -21.08 -12.59 -23.28
C LEU A 355 -20.97 -11.19 -22.70
N ARG A 356 -22.10 -10.76 -22.12
CA ARG A 356 -22.31 -9.37 -21.65
C ARG A 356 -22.48 -9.35 -20.13
N THR A 357 -23.34 -10.19 -19.57
CA THR A 357 -23.62 -10.21 -18.13
C THR A 357 -22.55 -11.10 -17.48
N LEU A 358 -22.20 -10.80 -16.24
CA LEU A 358 -21.16 -11.61 -15.57
C LEU A 358 -21.64 -13.05 -15.41
N GLU A 359 -22.91 -13.30 -15.11
CA GLU A 359 -23.40 -14.68 -14.92
C GLU A 359 -23.19 -15.46 -16.24
N GLU A 360 -23.51 -14.89 -17.41
CA GLU A 360 -23.40 -15.67 -18.68
C GLU A 360 -21.91 -15.80 -19.06
N ILE A 361 -21.08 -14.82 -18.73
CA ILE A 361 -19.61 -14.93 -19.00
C ILE A 361 -19.04 -16.08 -18.15
N VAL A 362 -19.40 -16.12 -16.86
CA VAL A 362 -18.92 -17.21 -15.96
C VAL A 362 -19.43 -18.56 -16.50
N ARG A 363 -20.67 -18.62 -17.00
CA ARG A 363 -21.22 -19.92 -17.49
C ARG A 363 -20.41 -20.40 -18.71
N PHE A 364 -19.99 -19.49 -19.57
CA PHE A 364 -19.25 -19.78 -20.82
C PHE A 364 -17.75 -20.08 -20.56
N VAL A 365 -17.10 -19.20 -19.81
CA VAL A 365 -15.62 -19.29 -19.57
C VAL A 365 -15.28 -20.46 -18.63
N LYS A 366 -16.17 -20.84 -17.72
CA LYS A 366 -15.90 -21.90 -16.69
C LYS A 366 -14.61 -21.54 -15.94
N PRO A 367 -14.58 -20.38 -15.30
CA PRO A 367 -13.36 -19.95 -14.59
C PRO A 367 -13.18 -20.74 -13.29
N THR A 368 -11.93 -20.77 -12.84
CA THR A 368 -11.45 -21.36 -11.60
C THR A 368 -11.11 -20.24 -10.62
N THR A 369 -10.94 -18.99 -11.12
CA THR A 369 -10.67 -17.79 -10.28
C THR A 369 -11.60 -16.66 -10.64
N LEU A 370 -12.07 -15.93 -9.61
CA LEU A 370 -12.72 -14.62 -9.85
C LEU A 370 -11.89 -13.53 -9.17
N LEU A 371 -11.33 -12.61 -9.96
CA LEU A 371 -10.61 -11.43 -9.40
C LEU A 371 -11.51 -10.20 -9.47
N GLY A 372 -11.85 -9.64 -8.31
CA GLY A 372 -12.80 -8.51 -8.19
C GLY A 372 -12.03 -7.22 -8.17
N LEU A 373 -11.93 -6.52 -9.31
CA LEU A 373 -11.24 -5.21 -9.41
C LEU A 373 -12.18 -4.16 -10.06
N GLY A 374 -13.49 -4.32 -9.85
CA GLY A 374 -14.60 -3.74 -10.64
C GLY A 374 -15.05 -2.40 -10.08
N GLY A 375 -14.93 -2.21 -8.77
CA GLY A 375 -15.34 -0.95 -8.09
C GLY A 375 -16.83 -0.64 -8.26
N VAL A 376 -17.64 -1.65 -8.59
CA VAL A 376 -19.13 -1.58 -8.77
C VAL A 376 -19.76 -2.30 -7.55
N GLY A 377 -20.83 -3.07 -7.70
CA GLY A 377 -21.48 -3.74 -6.54
C GLY A 377 -20.81 -5.02 -6.04
N PRO A 378 -21.59 -5.82 -5.25
CA PRO A 378 -21.37 -7.25 -5.05
C PRO A 378 -21.77 -8.13 -6.26
N ALA A 379 -20.97 -8.08 -7.33
CA ALA A 379 -21.14 -8.81 -8.60
C ALA A 379 -20.94 -10.31 -8.43
N PHE A 380 -20.18 -10.80 -7.44
CA PHE A 380 -19.94 -12.25 -7.30
C PHE A 380 -21.09 -12.85 -6.48
N THR A 381 -22.21 -13.11 -7.16
CA THR A 381 -23.50 -13.58 -6.57
C THR A 381 -23.35 -15.02 -6.09
N GLU A 382 -24.28 -15.50 -5.26
CA GLU A 382 -24.34 -16.93 -4.91
C GLU A 382 -24.32 -17.82 -6.16
N GLU A 383 -25.08 -17.44 -7.21
CA GLU A 383 -25.21 -18.24 -8.44
C GLU A 383 -23.83 -18.32 -9.13
N ILE A 384 -23.11 -17.22 -9.20
CA ILE A 384 -21.77 -17.18 -9.85
C ILE A 384 -20.77 -18.04 -9.05
N VAL A 385 -20.76 -17.93 -7.73
CA VAL A 385 -19.83 -18.73 -6.89
C VAL A 385 -20.14 -20.22 -7.08
N LYS A 386 -21.43 -20.61 -7.14
CA LYS A 386 -21.82 -22.04 -7.30
C LYS A 386 -21.32 -22.56 -8.65
N MET A 387 -21.32 -21.73 -9.68
CA MET A 387 -20.81 -22.13 -11.01
C MET A 387 -19.28 -22.38 -10.96
N VAL A 388 -18.55 -21.48 -10.32
CA VAL A 388 -17.08 -21.70 -10.18
C VAL A 388 -16.83 -23.03 -9.44
N MET A 389 -17.68 -23.44 -8.49
CA MET A 389 -17.52 -24.75 -7.78
C MET A 389 -17.61 -25.94 -8.74
N GLN A 390 -18.30 -25.77 -9.87
CA GLN A 390 -18.38 -26.81 -10.93
C GLN A 390 -17.01 -26.97 -11.62
N ASN A 391 -16.11 -25.98 -11.54
CA ASN A 391 -14.91 -25.95 -12.42
C ASN A 391 -13.64 -26.29 -11.62
N THR A 392 -13.72 -26.32 -10.29
CA THR A 392 -12.55 -26.52 -9.42
C THR A 392 -13.05 -26.89 -8.03
N GLU A 393 -12.27 -27.72 -7.32
CA GLU A 393 -12.56 -28.06 -5.89
C GLU A 393 -12.25 -26.87 -4.98
N ARG A 394 -11.39 -25.94 -5.43
CA ARG A 394 -10.91 -24.81 -4.59
C ARG A 394 -11.03 -23.50 -5.36
N PRO A 395 -12.23 -22.89 -5.43
CA PRO A 395 -12.39 -21.60 -6.12
C PRO A 395 -11.47 -20.54 -5.49
N ILE A 396 -10.76 -19.78 -6.31
CA ILE A 396 -10.04 -18.59 -5.80
C ILE A 396 -10.95 -17.38 -6.03
N ILE A 397 -11.34 -16.70 -4.94
CA ILE A 397 -12.25 -15.53 -4.99
C ILE A 397 -11.62 -14.35 -4.26
N PHE A 398 -11.27 -13.31 -5.01
CA PHE A 398 -10.53 -12.12 -4.51
C PHE A 398 -11.41 -10.90 -4.67
N PRO A 399 -12.31 -10.62 -3.69
CA PRO A 399 -13.11 -9.39 -3.71
C PRO A 399 -12.25 -8.21 -3.24
N LEU A 400 -11.59 -7.54 -4.18
CA LEU A 400 -10.53 -6.55 -3.82
C LEU A 400 -11.02 -5.10 -3.85
N SER A 401 -12.22 -4.79 -4.33
CA SER A 401 -12.68 -3.38 -4.43
C SER A 401 -13.01 -2.87 -3.03
N ASN A 402 -12.67 -1.61 -2.73
CA ASN A 402 -13.00 -0.94 -1.44
C ASN A 402 -13.70 0.38 -1.73
N PRO A 403 -14.44 0.97 -0.76
CA PRO A 403 -14.71 0.35 0.54
C PRO A 403 -15.42 -0.99 0.50
N THR A 404 -15.48 -1.66 1.64
CA THR A 404 -16.10 -3.00 1.88
C THR A 404 -17.50 -3.07 1.23
N SER A 405 -18.21 -1.95 1.08
CA SER A 405 -19.52 -1.87 0.37
C SER A 405 -19.35 -2.14 -1.14
N LYS A 406 -18.25 -1.68 -1.75
CA LYS A 406 -17.97 -1.83 -3.21
C LYS A 406 -17.46 -3.24 -3.53
N ALA A 407 -17.11 -4.04 -2.52
CA ALA A 407 -16.48 -5.39 -2.64
C ALA A 407 -17.40 -6.34 -3.40
N GLU A 408 -16.83 -7.26 -4.17
CA GLU A 408 -17.62 -8.13 -5.08
C GLU A 408 -18.39 -9.22 -4.30
N VAL A 409 -17.95 -9.56 -3.09
CA VAL A 409 -18.59 -10.62 -2.24
C VAL A 409 -17.92 -10.52 -0.86
N THR A 410 -18.64 -10.83 0.21
CA THR A 410 -18.01 -10.84 1.56
C THR A 410 -17.26 -12.15 1.69
N PRO A 411 -16.11 -12.21 2.39
CA PRO A 411 -15.48 -13.51 2.61
C PRO A 411 -16.44 -14.55 3.24
N GLU A 412 -17.26 -14.12 4.20
CA GLU A 412 -18.24 -14.99 4.90
C GLU A 412 -19.13 -15.69 3.85
N ASN A 413 -19.74 -14.92 2.94
CA ASN A 413 -20.59 -15.51 1.86
C ASN A 413 -19.76 -16.45 0.98
N ALA A 414 -18.54 -16.06 0.57
CA ALA A 414 -17.65 -16.91 -0.23
C ALA A 414 -17.40 -18.25 0.45
N TYR A 415 -17.02 -18.24 1.74
CA TYR A 415 -16.82 -19.48 2.53
C TYR A 415 -18.14 -20.27 2.69
N LYS A 416 -19.25 -19.59 3.00
CA LYS A 416 -20.53 -20.32 3.24
C LYS A 416 -20.92 -21.06 1.94
N TRP A 417 -20.98 -20.34 0.82
CA TRP A 417 -21.50 -20.90 -0.46
C TRP A 417 -20.58 -22.01 -0.99
N THR A 418 -19.28 -22.02 -0.65
CA THR A 418 -18.33 -23.06 -1.11
C THR A 418 -18.11 -24.10 -0.01
N ASN A 419 -18.83 -23.95 1.10
CA ASN A 419 -18.69 -24.84 2.29
C ASN A 419 -17.21 -24.90 2.67
N GLY A 420 -16.51 -23.75 2.66
CA GLY A 420 -15.12 -23.61 3.13
C GLY A 420 -14.07 -23.93 2.07
N ALA A 421 -14.48 -24.13 0.82
CA ALA A 421 -13.58 -24.47 -0.30
C ALA A 421 -12.88 -23.23 -0.85
N ALA A 422 -13.53 -22.07 -0.78
CA ALA A 422 -13.06 -20.82 -1.43
C ALA A 422 -11.73 -20.42 -0.78
N ILE A 423 -10.77 -20.01 -1.61
CA ILE A 423 -9.48 -19.40 -1.18
C ILE A 423 -9.60 -17.89 -1.41
N VAL A 424 -9.58 -17.08 -0.35
CA VAL A 424 -10.06 -15.67 -0.42
C VAL A 424 -8.98 -14.70 0.03
N ALA A 425 -8.76 -13.66 -0.73
CA ALA A 425 -7.95 -12.50 -0.29
C ALA A 425 -8.86 -11.28 -0.40
N SER A 426 -8.68 -10.32 0.50
CA SER A 426 -9.56 -9.15 0.63
C SER A 426 -8.71 -7.89 0.59
N GLY A 427 -9.33 -6.76 0.27
CA GLY A 427 -8.67 -5.45 0.37
C GLY A 427 -8.72 -4.89 1.79
N SER A 428 -9.58 -5.44 2.65
CA SER A 428 -9.92 -4.96 4.02
C SER A 428 -9.92 -6.13 5.00
N PRO A 429 -9.73 -5.86 6.31
CA PRO A 429 -9.70 -6.93 7.32
C PRO A 429 -11.15 -7.40 7.53
N PHE A 430 -11.32 -8.70 7.70
CA PHE A 430 -12.63 -9.34 8.05
C PHE A 430 -12.40 -10.30 9.22
N PRO A 431 -13.42 -10.48 10.08
CA PRO A 431 -13.34 -11.48 11.13
C PRO A 431 -13.33 -12.89 10.54
N PRO A 432 -12.86 -13.87 11.33
CA PRO A 432 -12.89 -15.27 10.91
C PRO A 432 -14.34 -15.69 10.73
N THR A 433 -14.55 -16.69 9.87
CA THR A 433 -15.85 -17.37 9.65
C THR A 433 -15.65 -18.84 10.02
N THR A 434 -16.57 -19.40 10.79
CA THR A 434 -16.52 -20.81 11.25
C THR A 434 -17.66 -21.57 10.58
N ILE A 435 -17.32 -22.66 9.92
CA ILE A 435 -18.28 -23.54 9.19
C ILE A 435 -18.03 -24.96 9.66
N GLY A 436 -18.99 -25.55 10.38
CA GLY A 436 -18.86 -26.94 10.84
C GLY A 436 -17.64 -27.12 11.75
N GLY A 437 -17.41 -26.15 12.63
CA GLY A 437 -16.27 -26.21 13.58
C GLY A 437 -14.93 -25.89 12.93
N LYS A 438 -14.86 -25.68 11.60
CA LYS A 438 -13.59 -25.31 10.92
C LYS A 438 -13.60 -23.80 10.71
N THR A 439 -12.48 -23.16 11.03
CA THR A 439 -12.38 -21.69 10.97
C THR A 439 -11.65 -21.28 9.68
N PHE A 440 -12.17 -20.25 9.04
CA PHE A 440 -11.63 -19.65 7.81
C PHE A 440 -11.53 -18.16 8.03
N LYS A 441 -10.51 -17.58 7.43
CA LYS A 441 -10.29 -16.13 7.57
C LYS A 441 -9.59 -15.71 6.28
N PRO A 442 -10.04 -14.62 5.62
CA PRO A 442 -9.43 -14.23 4.35
C PRO A 442 -8.04 -13.67 4.63
N SER A 443 -7.15 -13.73 3.64
CA SER A 443 -5.82 -13.11 3.70
C SER A 443 -5.97 -11.67 3.18
N GLN A 444 -5.62 -10.69 3.98
CA GLN A 444 -5.74 -9.29 3.57
C GLN A 444 -4.52 -8.93 2.74
N GLY A 445 -4.69 -8.56 1.46
CA GLY A 445 -3.62 -8.04 0.60
C GLY A 445 -3.27 -6.59 0.94
N ASN A 446 -2.75 -6.32 2.15
CA ASN A 446 -2.47 -4.92 2.55
C ASN A 446 -1.19 -4.45 1.84
N ASN A 447 -1.21 -3.21 1.31
CA ASN A 447 -0.05 -2.57 0.63
C ASN A 447 1.14 -2.48 1.57
N LEU A 448 0.91 -2.46 2.89
CA LEU A 448 1.98 -2.43 3.91
C LEU A 448 2.96 -3.58 3.69
N TYR A 449 2.55 -4.70 3.07
CA TYR A 449 3.51 -5.81 2.80
C TYR A 449 4.68 -5.38 1.92
N VAL A 450 4.51 -4.43 1.02
CA VAL A 450 5.52 -4.14 -0.04
C VAL A 450 6.17 -2.76 0.08
N PHE A 451 5.42 -1.65 0.15
CA PHE A 451 6.08 -0.32 0.04
C PHE A 451 7.17 -0.14 1.09
N PRO A 452 7.00 -0.51 2.37
CA PRO A 452 8.06 -0.24 3.36
C PRO A 452 9.41 -0.88 2.99
N GLY A 453 9.39 -2.15 2.58
CA GLY A 453 10.54 -2.94 2.14
C GLY A 453 11.16 -2.36 0.90
N VAL A 454 10.35 -1.88 -0.07
CA VAL A 454 10.91 -1.16 -1.24
C VAL A 454 11.61 0.12 -0.79
N GLY A 455 10.98 0.91 0.09
CA GLY A 455 11.61 2.11 0.67
C GLY A 455 12.90 1.82 1.38
N LEU A 456 12.92 0.83 2.27
CA LEU A 456 14.15 0.48 3.02
C LEU A 456 15.22 -0.07 2.06
N GLY A 457 14.88 -0.95 1.12
CA GLY A 457 15.85 -1.41 0.09
C GLY A 457 16.42 -0.29 -0.76
N CYS A 458 15.59 0.67 -1.21
CA CYS A 458 16.01 1.76 -2.13
C CYS A 458 16.81 2.77 -1.27
N ALA A 459 16.48 2.95 0.02
CA ALA A 459 17.24 3.79 0.98
C ALA A 459 18.66 3.25 1.13
N LEU A 460 18.79 1.94 1.33
CA LEU A 460 20.12 1.30 1.53
C LEU A 460 20.88 1.22 0.20
N ALA A 461 20.28 0.64 -0.83
CA ALA A 461 21.02 0.35 -2.08
C ALA A 461 21.29 1.64 -2.85
N GLN A 462 20.50 2.69 -2.61
CA GLN A 462 20.57 3.93 -3.42
C GLN A 462 20.61 3.63 -4.91
N PRO A 463 19.61 2.95 -5.52
CA PRO A 463 19.63 2.71 -6.96
C PRO A 463 19.39 4.02 -7.72
N THR A 464 19.87 4.09 -8.96
CA THR A 464 19.77 5.31 -9.78
C THR A 464 18.29 5.57 -10.05
N HIS A 465 17.52 4.49 -10.11
CA HIS A 465 16.06 4.54 -10.34
C HIS A 465 15.44 3.22 -9.86
N ILE A 466 14.13 3.11 -9.97
CA ILE A 466 13.39 1.90 -9.50
C ILE A 466 12.72 1.26 -10.71
N PRO A 467 13.45 0.38 -11.45
CA PRO A 467 12.82 -0.31 -12.57
C PRO A 467 11.83 -1.36 -12.10
N GLU A 468 10.98 -1.81 -13.01
CA GLU A 468 9.93 -2.79 -12.69
C GLU A 468 10.57 -4.08 -12.10
N GLU A 469 11.79 -4.43 -12.48
CA GLU A 469 12.49 -5.60 -11.87
C GLU A 469 12.49 -5.51 -10.31
N LEU A 470 12.67 -4.32 -9.71
CA LEU A 470 12.71 -4.24 -8.22
C LEU A 470 11.33 -4.51 -7.62
N LEU A 471 10.25 -4.08 -8.28
CA LEU A 471 8.89 -4.34 -7.76
C LEU A 471 8.60 -5.85 -7.90
N LEU A 472 8.93 -6.45 -9.04
CA LEU A 472 8.69 -7.90 -9.28
C LEU A 472 9.47 -8.71 -8.24
N THR A 473 10.72 -8.33 -7.94
CA THR A 473 11.53 -9.00 -6.90
C THR A 473 10.84 -8.86 -5.54
N ALA A 474 10.27 -7.70 -5.22
CA ALA A 474 9.61 -7.50 -3.91
C ALA A 474 8.38 -8.42 -3.83
N SER A 475 7.66 -8.51 -4.95
CA SER A 475 6.47 -9.38 -5.08
C SER A 475 6.86 -10.85 -4.79
N GLU A 476 7.92 -11.30 -5.46
CA GLU A 476 8.40 -12.69 -5.31
C GLU A 476 8.84 -12.94 -3.88
N SER A 477 9.62 -12.00 -3.34
CA SER A 477 10.12 -12.08 -1.95
C SER A 477 8.94 -12.26 -0.98
N LEU A 478 7.89 -11.46 -1.13
CA LEU A 478 6.68 -11.57 -0.29
C LEU A 478 6.04 -12.94 -0.48
N ASN A 479 5.88 -13.40 -1.71
CA ASN A 479 5.28 -14.73 -1.96
C ASN A 479 6.06 -15.81 -1.17
N LEU A 480 7.39 -15.77 -1.24
CA LEU A 480 8.28 -16.83 -0.70
C LEU A 480 8.36 -16.71 0.82
N LEU A 481 7.95 -15.61 1.42
CA LEU A 481 7.92 -15.49 2.93
C LEU A 481 6.76 -16.24 3.52
N THR A 482 5.76 -16.64 2.73
CA THR A 482 4.62 -17.43 3.25
C THR A 482 5.15 -18.86 3.50
N THR A 483 5.22 -19.25 4.76
CA THR A 483 5.89 -20.52 5.19
C THR A 483 4.97 -21.70 4.86
N GLU A 484 5.53 -22.92 4.80
CA GLU A 484 4.74 -24.16 4.59
C GLU A 484 3.63 -24.18 5.65
N GLY A 485 3.97 -23.75 6.87
CA GLY A 485 2.99 -23.71 7.96
C GLY A 485 1.88 -22.67 7.73
N ASP A 486 2.24 -21.43 7.45
CA ASP A 486 1.28 -20.37 7.02
C ASP A 486 0.40 -21.01 5.92
N LEU A 487 1.02 -21.68 4.93
CA LEU A 487 0.21 -22.24 3.81
C LEU A 487 -0.70 -23.36 4.31
N ARG A 488 -0.21 -24.22 5.20
CA ARG A 488 -1.05 -25.33 5.73
C ARG A 488 -2.24 -24.71 6.46
N GLU A 489 -2.13 -23.50 7.03
CA GLU A 489 -3.26 -22.86 7.75
C GLU A 489 -4.09 -21.98 6.78
N GLY A 490 -3.81 -22.05 5.48
CA GLY A 490 -4.60 -21.32 4.45
C GLY A 490 -4.27 -19.84 4.35
N ARG A 491 -3.12 -19.40 4.88
CA ARG A 491 -2.66 -17.99 4.74
C ARG A 491 -1.95 -17.80 3.40
N LEU A 492 -2.23 -16.68 2.72
CA LEU A 492 -1.61 -16.39 1.42
C LEU A 492 -0.40 -15.47 1.60
N TYR A 493 -0.24 -14.87 2.76
CA TYR A 493 0.85 -13.92 3.08
C TYR A 493 1.44 -14.27 4.43
N PRO A 494 2.69 -13.89 4.67
CA PRO A 494 3.23 -13.94 6.02
C PRO A 494 2.35 -13.05 6.90
N PRO A 495 2.38 -13.25 8.23
CA PRO A 495 1.50 -12.48 9.11
C PRO A 495 1.87 -11.00 9.15
N LEU A 496 0.86 -10.13 9.13
CA LEU A 496 1.09 -8.68 9.12
C LEU A 496 1.90 -8.26 10.34
N GLU A 497 1.70 -8.94 11.48
CA GLU A 497 2.30 -8.45 12.74
C GLU A 497 3.83 -8.61 12.66
N ASP A 498 4.35 -9.43 11.72
CA ASP A 498 5.79 -9.72 11.52
C ASP A 498 6.34 -8.75 10.49
N ILE A 499 5.72 -7.58 10.35
CA ILE A 499 6.07 -6.64 9.23
C ILE A 499 7.54 -6.29 9.25
N HIS A 500 8.22 -6.17 10.39
CA HIS A 500 9.67 -5.84 10.40
C HIS A 500 10.48 -6.90 9.66
N ASN A 501 10.31 -8.15 10.03
CA ASN A 501 10.99 -9.28 9.34
C ASN A 501 10.62 -9.28 7.84
N ILE A 502 9.35 -9.10 7.51
CA ILE A 502 8.89 -9.05 6.08
C ILE A 502 9.64 -7.93 5.38
N SER A 503 9.65 -6.72 5.95
CA SER A 503 10.31 -5.56 5.34
C SER A 503 11.80 -5.82 5.15
N ALA A 504 12.46 -6.43 6.13
CA ALA A 504 13.92 -6.65 6.03
C ALA A 504 14.19 -7.64 4.88
N ASN A 505 13.36 -8.67 4.73
CA ASN A 505 13.49 -9.71 3.66
C ASN A 505 13.22 -9.07 2.31
N VAL A 506 12.14 -8.30 2.20
CA VAL A 506 11.77 -7.61 0.94
C VAL A 506 12.93 -6.69 0.54
N ALA A 507 13.39 -5.86 1.47
CA ALA A 507 14.48 -4.90 1.24
C ALA A 507 15.75 -5.63 0.78
N THR A 508 16.09 -6.72 1.42
CA THR A 508 17.28 -7.55 1.11
C THR A 508 17.21 -8.01 -0.35
N ASP A 509 16.08 -8.58 -0.75
CA ASP A 509 15.90 -9.08 -2.12
C ASP A 509 15.90 -7.94 -3.14
N VAL A 510 15.28 -6.81 -2.83
CA VAL A 510 15.33 -5.61 -3.72
C VAL A 510 16.77 -5.15 -3.87
N ILE A 511 17.56 -5.09 -2.78
CA ILE A 511 18.98 -4.69 -2.86
C ILE A 511 19.77 -5.68 -3.76
N LEU A 512 19.60 -6.96 -3.55
CA LEU A 512 20.31 -7.99 -4.35
C LEU A 512 19.95 -7.78 -5.83
N GLU A 513 18.70 -7.43 -6.17
CA GLU A 513 18.29 -7.17 -7.58
C GLU A 513 18.97 -5.91 -8.11
N ALA A 514 18.99 -4.80 -7.36
CA ALA A 514 19.71 -3.57 -7.76
C ALA A 514 21.19 -3.91 -7.99
N GLN A 515 21.76 -4.76 -7.14
CA GLN A 515 23.18 -5.21 -7.26
C GLN A 515 23.38 -6.01 -8.58
N ARG A 516 22.52 -6.99 -8.86
CA ARG A 516 22.56 -7.74 -10.15
C ARG A 516 22.49 -6.81 -11.38
N MET A 517 21.70 -5.72 -11.34
CA MET A 517 21.52 -4.76 -12.48
C MET A 517 22.60 -3.66 -12.47
N LYS A 518 23.44 -3.62 -11.43
CA LYS A 518 24.50 -2.59 -11.25
C LYS A 518 23.90 -1.20 -11.29
N ILE A 519 22.74 -0.99 -10.67
CA ILE A 519 22.15 0.37 -10.50
C ILE A 519 22.35 0.85 -9.05
N ASP A 520 22.89 0.00 -8.17
CA ASP A 520 23.09 0.32 -6.72
C ASP A 520 24.24 1.30 -6.59
N ASN A 521 24.12 2.35 -5.78
CA ASN A 521 25.18 3.37 -5.62
C ASN A 521 25.86 3.19 -4.25
N ASN A 522 25.39 2.30 -3.36
CA ASN A 522 25.95 2.12 -1.99
C ASN A 522 26.85 0.87 -1.93
N LYS A 523 28.17 1.03 -1.99
CA LYS A 523 29.11 -0.10 -2.12
C LYS A 523 29.55 -0.59 -0.73
N LYS A 524 28.89 -0.15 0.35
CA LYS A 524 29.19 -0.62 1.73
C LYS A 524 28.39 -1.89 2.06
N LEU A 525 27.39 -2.23 1.25
CA LEU A 525 26.44 -3.29 1.63
C LEU A 525 27.02 -4.65 1.28
N PRO A 526 26.72 -5.68 2.08
CA PRO A 526 27.06 -7.05 1.73
C PRO A 526 26.37 -7.39 0.40
N ARG A 527 26.87 -8.41 -0.30
CA ARG A 527 26.35 -8.80 -1.63
C ARG A 527 25.85 -10.24 -1.61
N THR A 528 25.77 -10.84 -0.41
CA THR A 528 25.26 -12.21 -0.18
C THR A 528 24.07 -12.14 0.78
N ARG A 529 23.08 -12.99 0.53
CA ARG A 529 21.74 -12.79 1.14
C ARG A 529 21.79 -12.89 2.65
N ASP A 530 22.43 -13.91 3.25
CA ASP A 530 22.38 -14.09 4.73
C ASP A 530 23.02 -12.88 5.40
N GLU A 531 24.19 -12.46 4.94
CA GLU A 531 24.95 -11.35 5.57
C GLU A 531 24.19 -10.04 5.34
N LEU A 532 23.60 -9.85 4.16
CA LEU A 532 22.83 -8.64 3.82
C LEU A 532 21.55 -8.56 4.68
N LEU A 533 20.82 -9.65 4.79
CA LEU A 533 19.60 -9.68 5.63
C LEU A 533 19.95 -9.22 7.06
N ALA A 534 21.03 -9.76 7.64
CA ALA A 534 21.49 -9.41 9.00
C ALA A 534 21.81 -7.90 9.07
N PHE A 535 22.46 -7.36 8.05
CA PHE A 535 22.86 -5.94 7.97
C PHE A 535 21.64 -5.01 7.88
N VAL A 536 20.67 -5.41 7.07
CA VAL A 536 19.40 -4.69 6.86
C VAL A 536 18.62 -4.66 8.20
N LYS A 537 18.52 -5.77 8.93
CA LYS A 537 17.82 -5.80 10.23
C LYS A 537 18.46 -4.83 11.21
N LYS A 538 19.79 -4.77 11.28
CA LYS A 538 20.48 -3.84 12.22
C LYS A 538 20.26 -2.39 11.79
N ALA A 539 20.09 -2.08 10.51
CA ALA A 539 19.93 -0.71 10.02
C ALA A 539 18.57 -0.09 10.42
N MET A 540 17.58 -0.92 10.69
CA MET A 540 16.18 -0.46 10.85
C MET A 540 16.05 0.25 12.20
N TRP A 541 15.32 1.36 12.20
CA TRP A 541 14.90 2.06 13.44
C TRP A 541 13.88 1.21 14.19
N LYS A 542 14.01 1.12 15.50
CA LYS A 542 13.17 0.20 16.32
C LYS A 542 12.51 1.06 17.39
N PRO A 543 11.18 0.93 17.59
CA PRO A 543 10.49 1.73 18.61
C PRO A 543 10.80 1.14 19.99
N VAL A 544 12.05 1.31 20.42
CA VAL A 544 12.48 0.91 21.80
C VAL A 544 13.29 2.06 22.36
N TYR A 545 13.36 2.20 23.67
CA TYR A 545 14.14 3.29 24.28
C TYR A 545 15.64 2.97 24.16
N SER A 546 16.35 3.76 23.36
CA SER A 546 17.78 3.56 22.98
C SER A 546 18.72 4.50 23.74
N GLY A 547 18.39 5.78 23.87
CA GLY A 547 19.22 6.82 24.52
C GLY A 547 19.43 8.05 23.65
#